data_3JT1
#
_entry.id   3JT1
#
_cell.length_a   122.571
_cell.length_b   122.571
_cell.length_c   103.982
_cell.angle_alpha   90.00
_cell.angle_beta   90.00
_cell.angle_gamma   120.00
#
_symmetry.space_group_name_H-M   'H 3'
#
loop_
_entity.id
_entity.type
_entity.pdbx_description
1 polymer 'Putative uncharacterized protein'
2 non-polymer "URIDINE-5'-DIPHOSPHATE"
3 water water
#
_entity_poly.entity_id   1
_entity_poly.type   'polypeptide(L)'
_entity_poly.pdbx_seq_one_letter_code
;MKARRSNELSKLRMRFFSALNHTSEIDLHTLFDNLKSNLTLGSIEHLQEGSVTYAIIQELLKGADAQKKIESFLKGAIKN
VIHPGVIKGLTPNEINWNVAKAYPEYYEHEKLPDVTFGGFKVRDSNEFKFKTNVQTSIWFSIKPELFMPSKQQEALKRRR
EQYPGCKIRLIYSSSLLNPEANRQMKAFAKKQNISLIDIDSVKTDSPLYPLIKAELANLGMGGNPAAASDLCRWIPELFN
EGFYVDIDLPVDSSKIVEGHQITGGVPIMLNMGSIISEPIAPHHRRQEAVCMNTDIIAYANDRETQVMMDTVALHLKNIY
DDPYTALKDTPLAQTAFFNRCEEEGKNIFELRKGLQDAFRSDSLLELYVFLGPAKFKEVFKLKETQIKYIDDHISEFNEH
DLLLHLISDNPSEINQHTLDFGRAKVMYMDIAKEHYSAFYKPLVEEISGPGAIYNALGGASNFTTTHRRSTGPMLPTTPP
RVLQVFCDAHDKGPFVSDNIARWQTNVRELGVLNREGLSWLPSVG
;
_entity_poly.pdbx_strand_id   A
#
# COMPACT_ATOMS: atom_id res chain seq x y z
N ARG A 5 39.07 -3.87 -24.36
CA ARG A 5 40.04 -4.68 -25.16
C ARG A 5 39.45 -5.73 -26.15
N SER A 6 38.12 -5.87 -26.36
CA SER A 6 36.99 -5.23 -25.62
C SER A 6 35.63 -5.99 -25.83
N ASN A 7 35.30 -6.96 -24.96
CA ASN A 7 33.99 -7.66 -25.04
C ASN A 7 32.85 -6.79 -24.52
N GLU A 8 33.19 -5.69 -23.85
CA GLU A 8 32.20 -4.75 -23.35
C GLU A 8 31.61 -3.85 -24.43
N LEU A 9 32.47 -3.35 -25.34
CA LEU A 9 32.01 -2.59 -26.49
C LEU A 9 31.08 -3.47 -27.33
N SER A 10 31.37 -4.76 -27.39
CA SER A 10 30.54 -5.66 -28.19
C SER A 10 29.14 -5.84 -27.60
N LYS A 11 29.01 -5.95 -26.26
CA LYS A 11 27.66 -6.03 -25.62
C LYS A 11 26.85 -4.75 -25.88
N LEU A 12 27.52 -3.61 -25.73
CA LEU A 12 26.95 -2.32 -26.03
C LEU A 12 26.39 -2.24 -27.46
N ARG A 13 27.15 -2.58 -28.49
CA ARG A 13 26.68 -2.59 -29.87
C ARG A 13 25.53 -3.57 -30.06
N MET A 14 25.59 -4.75 -29.48
CA MET A 14 24.48 -5.71 -29.69
C MET A 14 23.18 -5.23 -29.01
N ARG A 15 23.29 -4.71 -27.79
CA ARG A 15 22.15 -4.07 -27.16
C ARG A 15 21.56 -2.94 -28.01
N PHE A 16 22.43 -2.10 -28.57
CA PHE A 16 21.96 -1.04 -29.43
C PHE A 16 21.15 -1.48 -30.66
N PHE A 17 21.71 -2.39 -31.47
CA PHE A 17 21.03 -2.85 -32.67
C PHE A 17 19.73 -3.56 -32.30
N SER A 18 19.78 -4.38 -31.25
CA SER A 18 18.56 -5.01 -30.68
C SER A 18 17.48 -3.94 -30.32
N ALA A 19 17.83 -2.98 -29.48
CA ALA A 19 16.91 -1.86 -29.14
C ALA A 19 16.25 -1.19 -30.34
N LEU A 20 17.00 -0.88 -31.38
CA LEU A 20 16.44 -0.19 -32.52
C LEU A 20 16.02 -1.10 -33.60
N ASN A 21 15.78 -2.35 -33.23
CA ASN A 21 15.03 -3.25 -34.04
C ASN A 21 15.76 -3.68 -35.32
N HIS A 22 17.08 -3.81 -35.23
CA HIS A 22 17.94 -4.18 -36.37
C HIS A 22 17.59 -3.51 -37.72
N THR A 23 17.14 -2.25 -37.70
CA THR A 23 16.64 -1.60 -38.96
C THR A 23 17.76 -1.28 -39.96
N SER A 24 17.42 -1.31 -41.25
CA SER A 24 18.34 -0.82 -42.29
C SER A 24 17.68 0.27 -43.12
N GLU A 25 16.69 0.98 -42.58
CA GLU A 25 16.25 2.23 -43.19
C GLU A 25 17.34 3.31 -42.90
N ILE A 26 18.20 3.09 -41.91
CA ILE A 26 19.43 3.87 -41.71
C ILE A 26 20.56 2.89 -41.41
N ASP A 27 21.76 3.40 -41.10
CA ASP A 27 22.97 2.61 -40.95
C ASP A 27 23.25 2.66 -39.50
N LEU A 28 22.96 1.57 -38.83
CA LEU A 28 23.05 1.59 -37.42
C LEU A 28 24.50 1.56 -37.01
N HIS A 29 25.38 1.04 -37.87
CA HIS A 29 26.82 1.02 -37.59
C HIS A 29 27.36 2.45 -37.40
N THR A 30 26.91 3.41 -38.20
CA THR A 30 27.44 4.75 -38.18
C THR A 30 26.78 5.53 -37.02
N LEU A 31 25.50 5.32 -36.82
CA LEU A 31 24.78 5.98 -35.79
C LEU A 31 25.50 5.56 -34.49
N PHE A 32 25.65 4.26 -34.33
CA PHE A 32 26.32 3.71 -33.18
C PHE A 32 27.67 4.32 -32.93
N ASP A 33 28.53 4.21 -33.94
CA ASP A 33 29.82 4.90 -33.98
C ASP A 33 29.74 6.40 -33.57
N ASN A 34 28.77 7.13 -34.10
CA ASN A 34 28.65 8.55 -33.80
C ASN A 34 28.09 8.83 -32.36
N LEU A 35 27.40 7.86 -31.76
CA LEU A 35 26.91 8.06 -30.40
C LEU A 35 27.79 7.46 -29.27
N LYS A 36 28.76 6.60 -29.64
CA LYS A 36 29.42 5.76 -28.61
C LYS A 36 30.33 6.49 -27.61
N SER A 37 30.86 7.67 -27.92
CA SER A 37 31.59 8.41 -26.87
C SER A 37 30.70 8.71 -25.64
N ASN A 38 29.39 8.81 -25.83
CA ASN A 38 28.52 9.12 -24.73
C ASN A 38 27.38 8.14 -24.54
N LEU A 39 27.61 6.86 -24.82
CA LEU A 39 26.52 5.86 -24.78
C LEU A 39 26.89 4.82 -23.74
N THR A 40 26.02 4.57 -22.78
CA THR A 40 26.24 3.54 -21.77
C THR A 40 25.13 2.50 -21.87
N LEU A 41 25.31 1.32 -21.32
CA LEU A 41 24.25 0.27 -21.33
C LEU A 41 22.93 0.74 -20.71
N GLY A 42 23.04 1.48 -19.62
CA GLY A 42 21.88 1.94 -18.89
C GLY A 42 21.02 2.85 -19.72
N SER A 43 21.59 3.45 -20.75
CA SER A 43 20.84 4.39 -21.56
C SER A 43 20.03 3.64 -22.59
N ILE A 44 20.51 2.46 -23.01
CA ILE A 44 19.95 1.79 -24.17
C ILE A 44 18.51 1.34 -23.87
N GLU A 45 18.28 0.84 -22.68
CA GLU A 45 16.91 0.59 -22.19
C GLU A 45 15.80 1.63 -22.57
N HIS A 46 16.16 2.92 -22.56
CA HIS A 46 15.24 4.03 -22.91
C HIS A 46 15.16 4.36 -24.36
N LEU A 47 15.80 3.52 -25.14
CA LEU A 47 15.74 3.53 -26.58
C LEU A 47 14.89 2.41 -27.20
N GLN A 48 14.47 1.41 -26.42
CA GLN A 48 13.72 0.20 -26.91
C GLN A 48 12.29 0.47 -27.23
N GLU A 49 11.68 -0.40 -28.02
CA GLU A 49 10.24 -0.39 -28.34
C GLU A 49 9.48 -0.31 -27.06
N GLY A 50 8.43 0.52 -27.03
CA GLY A 50 7.80 0.92 -25.77
C GLY A 50 8.22 2.30 -25.27
N SER A 51 9.34 2.84 -25.74
CA SER A 51 9.80 4.13 -25.19
C SER A 51 9.41 5.24 -26.10
N VAL A 52 9.44 6.44 -25.56
CA VAL A 52 9.08 7.61 -26.35
C VAL A 52 10.17 7.85 -27.40
N THR A 53 11.40 7.50 -27.09
CA THR A 53 12.50 7.75 -27.98
C THR A 53 12.37 6.87 -29.24
N TYR A 54 12.07 5.60 -29.05
CA TYR A 54 11.78 4.68 -30.09
C TYR A 54 10.65 5.16 -30.96
N ALA A 55 9.58 5.68 -30.36
CA ALA A 55 8.43 6.07 -31.20
C ALA A 55 8.79 7.30 -32.04
N ILE A 56 9.62 8.19 -31.48
CA ILE A 56 10.08 9.35 -32.24
C ILE A 56 10.95 8.88 -33.42
N ILE A 57 11.86 7.95 -33.14
CA ILE A 57 12.73 7.35 -34.15
C ILE A 57 11.91 6.72 -35.26
N GLN A 58 10.84 5.99 -34.93
CA GLN A 58 10.00 5.45 -36.01
C GLN A 58 9.42 6.52 -36.94
N GLU A 59 9.00 7.65 -36.41
CA GLU A 59 8.46 8.70 -37.25
C GLU A 59 9.61 9.36 -37.99
N LEU A 60 10.78 9.46 -37.37
CA LEU A 60 11.94 10.09 -38.06
C LEU A 60 12.51 9.27 -39.21
N LEU A 61 12.41 7.94 -39.14
CA LEU A 61 12.75 7.07 -40.28
C LEU A 61 11.90 7.23 -41.53
N LYS A 62 10.66 7.72 -41.41
CA LYS A 62 9.83 7.87 -42.58
C LYS A 62 10.22 9.15 -43.28
N GLY A 63 11.04 9.95 -42.60
CA GLY A 63 11.47 11.26 -43.08
C GLY A 63 12.75 11.27 -43.93
N ALA A 64 12.82 12.27 -44.82
CA ALA A 64 14.04 12.63 -45.52
C ALA A 64 15.09 12.95 -44.49
N ASP A 65 16.31 12.50 -44.78
CA ASP A 65 17.46 12.86 -43.97
C ASP A 65 17.44 12.14 -42.65
N ALA A 66 16.85 10.96 -42.67
CA ALA A 66 16.65 10.15 -41.48
C ALA A 66 17.92 10.00 -40.68
N GLN A 67 19.01 9.63 -41.33
CA GLN A 67 20.26 9.31 -40.65
C GLN A 67 20.77 10.44 -39.77
N LYS A 68 20.75 11.64 -40.33
CA LYS A 68 21.27 12.79 -39.63
C LYS A 68 20.30 13.32 -38.58
N LYS A 69 19.01 13.35 -38.87
CA LYS A 69 18.04 13.80 -37.90
C LYS A 69 18.00 12.89 -36.67
N ILE A 70 18.00 11.57 -36.91
CA ILE A 70 18.03 10.60 -35.84
C ILE A 70 19.31 10.81 -35.05
N GLU A 71 20.44 11.03 -35.70
CA GLU A 71 21.66 11.17 -34.92
C GLU A 71 21.60 12.40 -34.01
N SER A 72 21.12 13.53 -34.53
CA SER A 72 21.09 14.77 -33.76
C SER A 72 20.18 14.65 -32.53
N PHE A 73 18.98 14.17 -32.78
CA PHE A 73 18.00 13.89 -31.75
C PHE A 73 18.59 13.06 -30.64
N LEU A 74 19.17 11.92 -31.01
CA LEU A 74 19.73 10.99 -30.03
C LEU A 74 20.95 11.52 -29.28
N LYS A 75 21.82 12.24 -29.93
CA LYS A 75 22.95 12.83 -29.18
C LYS A 75 22.40 13.67 -28.06
N GLY A 76 21.43 14.50 -28.43
CA GLY A 76 20.77 15.42 -27.52
C GLY A 76 19.95 14.76 -26.45
N ALA A 77 19.15 13.78 -26.87
CA ALA A 77 18.32 13.05 -25.92
C ALA A 77 19.18 12.30 -24.96
N ILE A 78 20.18 11.59 -25.43
CA ILE A 78 21.00 10.93 -24.47
C ILE A 78 21.73 11.97 -23.52
N LYS A 79 22.24 13.03 -24.09
CA LYS A 79 23.16 13.80 -23.31
C LYS A 79 22.43 14.59 -22.24
N ASN A 80 21.32 15.19 -22.59
CA ASN A 80 20.60 16.17 -21.77
C ASN A 80 19.38 15.70 -20.97
N VAL A 81 18.86 14.49 -21.26
CA VAL A 81 17.61 13.95 -20.67
C VAL A 81 17.82 12.53 -20.12
N ILE A 82 18.31 11.63 -20.95
CA ILE A 82 18.31 10.22 -20.60
C ILE A 82 19.42 9.89 -19.68
N HIS A 83 20.64 10.24 -20.07
CA HIS A 83 21.77 9.89 -19.24
C HIS A 83 21.73 10.64 -17.89
N PRO A 84 21.42 11.95 -17.88
CA PRO A 84 21.27 12.49 -16.49
C PRO A 84 20.07 11.85 -15.75
N GLY A 85 19.09 11.35 -16.50
CA GLY A 85 17.98 10.62 -15.91
C GLY A 85 18.37 9.33 -15.25
N VAL A 86 19.19 8.52 -15.92
CA VAL A 86 19.63 7.26 -15.35
C VAL A 86 20.48 7.48 -14.12
N ILE A 87 21.36 8.46 -14.16
CA ILE A 87 22.28 8.71 -13.03
C ILE A 87 21.54 9.09 -11.76
N LYS A 88 20.40 9.73 -11.95
CA LYS A 88 19.58 10.29 -10.89
C LYS A 88 18.56 9.27 -10.30
N GLY A 89 18.42 8.09 -10.91
CA GLY A 89 17.47 7.02 -10.52
C GLY A 89 16.07 7.06 -11.17
N LEU A 90 15.85 7.91 -12.17
CA LEU A 90 14.58 7.94 -12.84
C LEU A 90 14.15 6.60 -13.42
N THR A 91 12.85 6.35 -13.42
CA THR A 91 12.26 5.12 -14.06
C THR A 91 12.09 5.30 -15.55
N PRO A 92 11.91 4.19 -16.32
CA PRO A 92 11.55 4.40 -17.72
C PRO A 92 10.39 5.36 -17.93
N ASN A 93 9.38 5.42 -17.03
CA ASN A 93 8.27 6.29 -17.29
C ASN A 93 8.69 7.76 -17.08
N GLU A 94 9.55 7.99 -16.10
CA GLU A 94 9.92 9.33 -15.73
C GLU A 94 10.80 9.80 -16.86
N ILE A 95 11.63 8.92 -17.41
CA ILE A 95 12.54 9.35 -18.51
C ILE A 95 11.71 9.63 -19.76
N ASN A 96 10.70 8.80 -20.04
CA ASN A 96 9.85 9.03 -21.17
C ASN A 96 9.17 10.35 -21.15
N TRP A 97 8.60 10.73 -20.02
CA TRP A 97 7.98 12.01 -19.91
C TRP A 97 8.97 13.17 -20.12
N ASN A 98 10.16 13.06 -19.55
CA ASN A 98 11.21 14.06 -19.72
C ASN A 98 11.63 14.21 -21.17
N VAL A 99 11.65 13.13 -21.94
CA VAL A 99 11.98 13.22 -23.40
C VAL A 99 10.84 13.98 -24.08
N ALA A 100 9.59 13.61 -23.77
CA ALA A 100 8.38 14.24 -24.36
C ALA A 100 8.40 15.75 -24.14
N LYS A 101 8.79 16.18 -22.90
CA LYS A 101 8.81 17.62 -22.53
C LYS A 101 9.90 18.29 -23.33
N ALA A 102 11.10 17.67 -23.44
CA ALA A 102 12.22 18.19 -24.26
C ALA A 102 11.96 18.22 -25.75
N TYR A 103 11.11 17.37 -26.32
CA TYR A 103 10.93 17.34 -27.78
C TYR A 103 9.49 17.45 -28.19
N PRO A 104 8.93 18.61 -27.94
CA PRO A 104 7.53 18.77 -28.30
C PRO A 104 7.36 18.84 -29.80
N GLU A 105 8.41 19.17 -30.52
CA GLU A 105 8.32 19.11 -31.97
C GLU A 105 8.12 17.66 -32.45
N TYR A 106 8.53 16.65 -31.67
CA TYR A 106 8.49 15.25 -32.06
C TYR A 106 7.53 14.38 -31.31
N TYR A 107 6.98 14.88 -30.20
CA TYR A 107 6.04 14.09 -29.44
C TYR A 107 4.86 14.91 -28.92
N GLU A 108 3.69 14.72 -29.52
CA GLU A 108 2.53 15.46 -29.12
C GLU A 108 2.04 14.92 -27.75
N HIS A 109 1.88 15.79 -26.77
CA HIS A 109 1.37 15.39 -25.48
C HIS A 109 0.70 16.52 -24.68
N GLU A 110 -0.23 16.14 -23.81
CA GLU A 110 -0.93 17.11 -22.96
C GLU A 110 -0.05 17.58 -21.83
N LYS A 111 -0.49 18.62 -21.15
CA LYS A 111 0.12 19.10 -19.94
C LYS A 111 -0.09 18.13 -18.75
N LEU A 112 0.82 18.22 -17.77
CA LEU A 112 0.72 17.56 -16.48
C LEU A 112 -0.51 18.04 -15.77
N PRO A 113 -1.49 17.16 -15.53
CA PRO A 113 -2.62 17.64 -14.74
C PRO A 113 -2.33 18.01 -13.28
N ASP A 114 -3.27 18.75 -12.73
CA ASP A 114 -3.28 19.18 -11.35
C ASP A 114 -3.87 18.11 -10.46
N VAL A 115 -2.99 17.42 -9.73
CA VAL A 115 -3.39 16.35 -8.85
C VAL A 115 -2.87 16.63 -7.41
N THR A 116 -3.74 16.58 -6.42
CA THR A 116 -3.36 16.76 -5.03
C THR A 116 -3.24 15.36 -4.37
N PHE A 117 -2.23 15.20 -3.54
CA PHE A 117 -1.99 13.99 -2.83
C PHE A 117 -1.47 14.42 -1.44
N GLY A 118 -2.23 14.17 -0.38
CA GLY A 118 -1.86 14.63 0.99
C GLY A 118 -1.60 16.15 1.11
N GLY A 119 -2.42 16.94 0.46
CA GLY A 119 -2.24 18.34 0.54
C GLY A 119 -1.14 18.92 -0.30
N PHE A 120 -0.54 18.10 -1.14
CA PHE A 120 0.63 18.50 -1.94
C PHE A 120 0.30 18.33 -3.42
N LYS A 121 0.68 19.29 -4.25
CA LYS A 121 0.44 19.17 -5.69
C LYS A 121 1.56 18.27 -6.26
N VAL A 122 1.22 17.16 -6.89
CA VAL A 122 2.21 16.21 -7.48
C VAL A 122 3.08 16.96 -8.49
N ARG A 123 4.39 16.85 -8.39
CA ARG A 123 5.35 17.50 -9.33
C ARG A 123 6.01 16.53 -10.32
N ASP A 124 6.47 17.03 -11.47
CA ASP A 124 7.25 16.21 -12.40
C ASP A 124 8.69 16.65 -12.44
N SER A 125 9.12 17.40 -11.41
CA SER A 125 10.48 17.85 -11.36
C SER A 125 11.50 16.76 -10.94
N ASN A 126 11.04 15.58 -10.44
CA ASN A 126 11.97 14.59 -9.90
C ASN A 126 12.82 15.11 -8.70
N GLU A 127 12.26 16.01 -7.90
CA GLU A 127 13.13 16.67 -6.89
C GLU A 127 13.12 15.91 -5.57
N PHE A 128 12.07 15.16 -5.26
CA PHE A 128 12.14 14.37 -4.03
C PHE A 128 12.99 13.12 -4.22
N LYS A 129 13.94 12.94 -3.30
CA LYS A 129 14.87 11.82 -3.39
C LYS A 129 14.67 10.94 -2.22
N PHE A 130 14.86 9.67 -2.45
CA PHE A 130 14.59 8.62 -1.48
C PHE A 130 15.70 7.59 -1.50
N LYS A 131 16.17 7.16 -0.33
CA LYS A 131 17.13 6.03 -0.28
C LYS A 131 16.48 4.65 -0.31
N THR A 132 16.98 3.66 -1.07
CA THR A 132 16.41 2.31 -1.00
C THR A 132 17.20 1.43 -0.04
N ASN A 133 18.32 1.93 0.42
CA ASN A 133 19.25 1.18 1.24
C ASN A 133 19.04 1.47 2.72
N VAL A 134 17.90 2.02 3.11
CA VAL A 134 17.62 2.32 4.55
C VAL A 134 16.24 1.80 4.80
N GLN A 135 16.14 0.78 5.63
CA GLN A 135 14.89 0.00 5.76
C GLN A 135 14.46 -0.16 7.20
N THR A 136 13.22 0.21 7.50
CA THR A 136 12.74 0.17 8.86
C THR A 136 11.51 -0.74 8.91
N SER A 137 11.48 -1.58 9.95
CA SER A 137 10.40 -2.54 10.17
C SER A 137 9.97 -2.48 11.64
N ILE A 138 8.79 -3.03 11.94
CA ILE A 138 8.20 -2.92 13.23
C ILE A 138 7.80 -4.33 13.68
N TRP A 139 8.23 -4.75 14.87
CA TRP A 139 7.75 -5.95 15.51
C TRP A 139 7.43 -5.72 16.94
N PHE A 140 6.14 -5.65 17.23
CA PHE A 140 5.68 -5.62 18.61
C PHE A 140 5.18 -7.03 18.98
N SER A 141 5.84 -7.70 19.92
CA SER A 141 5.44 -9.04 20.28
C SER A 141 4.28 -9.07 21.27
N ILE A 142 3.33 -10.00 21.04
CA ILE A 142 2.21 -10.25 21.95
C ILE A 142 2.53 -11.36 22.99
N LYS A 143 3.78 -11.83 23.04
CA LYS A 143 4.20 -12.91 23.91
C LYS A 143 5.44 -12.49 24.67
N PRO A 144 5.33 -12.22 25.98
CA PRO A 144 6.51 -11.65 26.68
C PRO A 144 7.75 -12.50 26.59
N GLU A 145 7.58 -13.80 26.40
CA GLU A 145 8.73 -14.74 26.37
C GLU A 145 9.45 -14.74 25.00
N LEU A 146 8.76 -14.29 23.95
CA LEU A 146 9.22 -14.39 22.56
C LEU A 146 9.44 -13.01 21.89
N PHE A 147 10.70 -12.59 21.68
CA PHE A 147 10.97 -11.28 21.03
C PHE A 147 10.41 -11.20 19.57
N MET A 148 10.49 -12.30 18.85
CA MET A 148 10.12 -12.35 17.42
C MET A 148 10.10 -13.82 17.00
N PRO A 149 9.03 -14.26 16.34
CA PRO A 149 8.99 -15.63 15.88
C PRO A 149 10.05 -15.88 14.82
N SER A 150 10.42 -17.14 14.69
CA SER A 150 11.49 -17.54 13.79
C SER A 150 11.33 -17.04 12.34
N LYS A 151 10.10 -17.06 11.81
CA LYS A 151 9.82 -16.64 10.44
C LYS A 151 10.21 -15.18 10.16
N GLN A 152 9.92 -14.28 11.11
CA GLN A 152 10.32 -12.89 11.02
C GLN A 152 11.85 -12.70 11.26
N GLN A 153 12.43 -13.46 12.18
CA GLN A 153 13.88 -13.49 12.29
C GLN A 153 14.54 -13.91 10.95
N GLU A 154 14.05 -14.99 10.32
CA GLU A 154 14.71 -15.44 9.08
C GLU A 154 14.52 -14.39 7.96
N ALA A 155 13.32 -13.82 7.87
CA ALA A 155 13.06 -12.77 6.90
C ALA A 155 14.08 -11.62 7.09
N LEU A 156 14.35 -11.23 8.33
CA LEU A 156 15.36 -10.21 8.57
C LEU A 156 16.77 -10.71 8.16
N LYS A 157 17.17 -11.90 8.63
CA LYS A 157 18.45 -12.50 8.21
C LYS A 157 18.54 -12.51 6.71
N ARG A 158 17.47 -12.88 6.01
CA ARG A 158 17.53 -12.90 4.53
C ARG A 158 17.73 -11.56 3.86
N ARG A 159 16.92 -10.55 4.17
CA ARG A 159 17.13 -9.22 3.55
C ARG A 159 18.56 -8.69 3.72
N ARG A 160 19.12 -8.83 4.92
CA ARG A 160 20.48 -8.41 5.22
C ARG A 160 21.38 -9.27 4.37
N GLU A 161 21.53 -10.54 4.79
CA GLU A 161 22.56 -11.45 4.26
C GLU A 161 22.47 -11.63 2.72
N GLN A 162 21.30 -11.36 2.14
CA GLN A 162 21.23 -11.27 0.69
C GLN A 162 21.83 -9.94 0.30
N TYR A 163 21.28 -8.85 0.86
CA TYR A 163 21.42 -7.50 0.27
C TYR A 163 22.05 -6.44 1.17
N PRO A 164 23.31 -6.69 1.62
CA PRO A 164 23.94 -5.56 2.31
C PRO A 164 24.41 -4.50 1.30
N GLY A 165 25.01 -3.45 1.81
CA GLY A 165 24.93 -3.11 3.22
C GLY A 165 23.81 -2.09 3.31
N CYS A 166 22.58 -2.48 3.01
CA CYS A 166 21.46 -1.60 3.34
C CYS A 166 21.43 -1.47 4.87
N LYS A 167 20.98 -0.33 5.39
CA LYS A 167 20.87 -0.17 6.84
C LYS A 167 19.46 -0.68 7.20
N ILE A 168 19.33 -1.37 8.32
CA ILE A 168 18.10 -2.02 8.74
C ILE A 168 17.82 -1.53 10.14
N ARG A 169 16.64 -0.93 10.32
CA ARG A 169 16.25 -0.40 11.61
C ARG A 169 15.00 -1.18 12.06
N LEU A 170 14.91 -1.52 13.33
CA LEU A 170 13.80 -2.29 13.83
C LEU A 170 13.20 -1.57 15.00
N ILE A 171 11.95 -1.14 14.89
CA ILE A 171 11.23 -0.62 16.04
C ILE A 171 10.57 -1.81 16.76
N TYR A 172 10.64 -1.78 18.10
CA TYR A 172 10.05 -2.79 19.02
C TYR A 172 9.63 -2.07 20.33
N SER A 173 9.01 -2.81 21.26
CA SER A 173 8.77 -2.33 22.61
C SER A 173 9.39 -3.27 23.64
N SER A 174 10.30 -2.72 24.45
CA SER A 174 10.92 -3.45 25.57
C SER A 174 9.87 -3.90 26.61
N SER A 175 9.00 -2.97 26.94
CA SER A 175 7.94 -3.20 27.90
C SER A 175 7.02 -4.41 27.56
N LEU A 176 6.92 -4.82 26.31
CA LEU A 176 6.14 -6.02 25.95
C LEU A 176 6.90 -7.33 26.13
N LEU A 177 8.22 -7.27 26.35
CA LEU A 177 9.04 -8.48 26.51
C LEU A 177 9.58 -8.64 27.94
N ASN A 178 9.66 -9.89 28.40
CA ASN A 178 10.29 -10.18 29.68
C ASN A 178 11.82 -9.97 29.55
N PRO A 179 12.51 -9.72 30.67
CA PRO A 179 13.96 -9.52 30.56
C PRO A 179 14.71 -10.51 29.66
N GLU A 180 14.34 -11.79 29.65
CA GLU A 180 15.08 -12.76 28.80
C GLU A 180 14.86 -12.57 27.26
N ALA A 181 13.61 -12.38 26.85
CA ALA A 181 13.28 -11.98 25.49
C ALA A 181 13.99 -10.68 25.07
N ASN A 182 14.03 -9.71 25.99
CA ASN A 182 14.79 -8.47 25.75
C ASN A 182 16.25 -8.68 25.45
N ARG A 183 16.95 -9.40 26.33
CA ARG A 183 18.38 -9.66 26.15
C ARG A 183 18.60 -10.35 24.81
N GLN A 184 17.71 -11.28 24.48
CA GLN A 184 17.75 -11.95 23.18
C GLN A 184 17.44 -11.00 22.03
N MET A 185 16.64 -9.97 22.27
CA MET A 185 16.37 -9.01 21.19
C MET A 185 17.68 -8.28 20.89
N LYS A 186 18.28 -7.68 21.93
CA LYS A 186 19.51 -6.90 21.77
C LYS A 186 20.61 -7.67 21.06
N ALA A 187 20.77 -8.95 21.42
CA ALA A 187 21.79 -9.80 20.77
C ALA A 187 21.48 -10.16 19.34
N PHE A 188 20.22 -10.43 19.05
CA PHE A 188 19.83 -10.63 17.66
C PHE A 188 20.16 -9.40 16.82
N ALA A 189 19.78 -8.24 17.33
CA ALA A 189 20.02 -6.98 16.63
C ALA A 189 21.51 -6.73 16.46
N LYS A 190 22.30 -6.92 17.52
CA LYS A 190 23.76 -6.73 17.43
C LYS A 190 24.39 -7.70 16.42
N LYS A 191 24.03 -8.97 16.53
CA LYS A 191 24.52 -9.98 15.62
C LYS A 191 24.18 -9.64 14.19
N GLN A 192 22.96 -9.11 13.94
CA GLN A 192 22.56 -8.75 12.58
C GLN A 192 22.80 -7.29 12.22
N ASN A 193 23.56 -6.55 13.03
CA ASN A 193 23.81 -5.12 12.76
C ASN A 193 22.52 -4.35 12.47
N ILE A 194 21.52 -4.59 13.30
CA ILE A 194 20.24 -3.93 13.20
C ILE A 194 20.24 -2.82 14.22
N SER A 195 19.99 -1.58 13.76
CA SER A 195 19.68 -0.44 14.61
CA SER A 195 19.69 -0.47 14.66
C SER A 195 18.34 -0.65 15.29
N LEU A 196 18.35 -0.79 16.60
CA LEU A 196 17.14 -1.08 17.38
C LEU A 196 16.59 0.26 18.01
N ILE A 197 15.31 0.56 17.81
CA ILE A 197 14.64 1.68 18.48
C ILE A 197 13.53 1.19 19.41
N ASP A 198 13.63 1.51 20.70
CA ASP A 198 12.61 1.21 21.69
C ASP A 198 11.58 2.33 21.65
N ILE A 199 10.36 1.98 21.23
CA ILE A 199 9.19 2.85 21.19
C ILE A 199 8.82 3.45 22.56
N ASP A 200 9.19 2.76 23.64
CA ASP A 200 8.87 3.24 25.02
C ASP A 200 9.62 4.45 25.52
N SER A 201 10.80 4.73 24.93
CA SER A 201 11.61 5.88 25.31
C SER A 201 12.06 6.54 24.03
N VAL A 202 11.11 7.20 23.37
CA VAL A 202 11.30 7.94 22.13
C VAL A 202 10.74 9.32 22.42
N LYS A 203 11.36 10.31 21.82
CA LYS A 203 10.99 11.67 22.08
C LYS A 203 10.30 12.29 20.90
N THR A 204 9.05 12.71 21.04
CA THR A 204 8.34 13.31 19.93
C THR A 204 7.19 14.12 20.44
N ASP A 205 6.84 15.21 19.78
CA ASP A 205 5.55 15.90 20.02
C ASP A 205 4.34 15.28 19.23
N SER A 206 4.49 14.20 18.49
CA SER A 206 3.33 13.71 17.71
C SER A 206 2.09 13.39 18.56
N PRO A 207 0.92 13.83 18.12
CA PRO A 207 -0.29 13.23 18.75
C PRO A 207 -0.45 11.67 18.67
N LEU A 208 0.32 10.99 17.83
CA LEU A 208 0.09 9.60 17.63
C LEU A 208 0.81 8.80 18.65
N TYR A 209 1.75 9.44 19.40
CA TYR A 209 2.55 8.69 20.36
C TYR A 209 1.73 8.13 21.55
N PRO A 210 0.91 8.97 22.21
CA PRO A 210 -0.03 8.34 23.21
C PRO A 210 -0.94 7.19 22.67
N LEU A 211 -1.46 7.34 21.44
CA LEU A 211 -2.32 6.29 20.85
C LEU A 211 -1.52 5.00 20.67
N ILE A 212 -0.26 5.10 20.25
CA ILE A 212 0.59 3.95 20.17
C ILE A 212 0.79 3.23 21.50
N LYS A 213 1.13 3.98 22.55
CA LYS A 213 1.38 3.39 23.86
C LYS A 213 0.09 2.73 24.37
N ALA A 214 -1.04 3.40 24.15
CA ALA A 214 -2.31 2.83 24.54
C ALA A 214 -2.65 1.56 23.76
N GLU A 215 -2.47 1.47 22.45
CA GLU A 215 -2.77 0.20 21.76
C GLU A 215 -1.98 -0.95 22.38
N LEU A 216 -0.70 -0.67 22.70
CA LEU A 216 0.17 -1.69 23.28
C LEU A 216 -0.20 -2.04 24.74
N ALA A 217 -0.45 -1.01 25.59
CA ALA A 217 -0.85 -1.26 26.98
C ALA A 217 -2.22 -1.95 27.06
N ASN A 218 -3.02 -1.89 26.00
CA ASN A 218 -4.37 -2.43 26.04
C ASN A 218 -4.45 -3.81 25.39
N LEU A 219 -3.31 -4.46 25.17
CA LEU A 219 -3.32 -5.82 24.65
C LEU A 219 -4.00 -6.78 25.62
N GLY A 220 -4.92 -7.62 25.12
CA GLY A 220 -5.82 -8.36 26.00
C GLY A 220 -7.11 -7.59 26.32
N MET A 221 -7.16 -6.28 26.02
CA MET A 221 -8.32 -5.41 26.28
C MET A 221 -8.78 -4.57 25.03
N GLY A 222 -8.62 -5.16 23.85
CA GLY A 222 -9.04 -4.51 22.62
C GLY A 222 -7.94 -3.77 21.87
N GLY A 223 -6.74 -3.78 22.41
CA GLY A 223 -5.63 -3.12 21.77
C GLY A 223 -5.05 -4.10 20.78
N ASN A 224 -4.50 -3.57 19.70
CA ASN A 224 -4.04 -4.39 18.57
C ASN A 224 -2.67 -3.88 18.21
N PRO A 225 -1.68 -4.78 18.09
CA PRO A 225 -0.31 -4.35 17.78
C PRO A 225 -0.08 -4.00 16.33
N ALA A 226 -0.91 -4.49 15.40
CA ALA A 226 -0.80 -4.07 13.99
C ALA A 226 -1.29 -2.64 13.85
N ALA A 227 -2.16 -2.23 14.76
CA ALA A 227 -2.70 -0.90 14.74
C ALA A 227 -1.66 0.09 15.29
N ALA A 228 -0.99 -0.25 16.41
CA ALA A 228 0.25 0.45 16.86
C ALA A 228 1.34 0.55 15.78
N SER A 229 1.75 -0.56 15.18
CA SER A 229 2.64 -0.55 13.98
C SER A 229 2.19 0.42 12.90
N ASP A 230 0.91 0.50 12.61
CA ASP A 230 0.41 1.36 11.57
C ASP A 230 0.65 2.83 11.91
N LEU A 231 0.37 3.16 13.15
CA LEU A 231 0.50 4.53 13.62
C LEU A 231 1.95 5.00 13.67
N CYS A 232 2.86 4.14 14.10
CA CYS A 232 4.32 4.50 14.19
C CYS A 232 4.85 5.11 12.84
N ARG A 233 4.23 4.67 11.73
CA ARG A 233 4.68 5.00 10.42
C ARG A 233 4.44 6.44 10.08
N TRP A 234 3.77 7.23 10.92
CA TRP A 234 3.48 8.64 10.59
C TRP A 234 4.12 9.58 11.60
N ILE A 235 5.12 9.08 12.31
CA ILE A 235 5.78 9.85 13.38
C ILE A 235 7.17 10.30 12.88
N PRO A 236 7.34 11.61 12.65
CA PRO A 236 8.52 12.11 11.95
C PRO A 236 9.87 11.73 12.59
N GLU A 237 9.90 11.59 13.92
CA GLU A 237 11.13 11.25 14.58
C GLU A 237 11.52 9.81 14.31
N LEU A 238 10.55 8.98 13.91
CA LEU A 238 10.81 7.56 13.64
C LEU A 238 11.09 7.31 12.19
N PHE A 239 10.32 7.93 11.31
CA PHE A 239 10.56 7.85 9.89
C PHE A 239 10.78 9.26 9.25
N ASN A 240 11.98 9.45 8.71
CA ASN A 240 12.39 10.68 8.01
C ASN A 240 13.25 10.42 6.77
N GLU A 241 13.54 9.14 6.51
CA GLU A 241 14.22 8.72 5.29
C GLU A 241 14.15 7.19 5.09
N GLY A 242 14.47 6.78 3.89
CA GLY A 242 14.43 5.38 3.54
C GLY A 242 13.01 4.87 3.46
N PHE A 243 12.85 3.59 3.74
CA PHE A 243 11.61 2.94 3.52
C PHE A 243 11.02 2.36 4.78
N TYR A 244 9.69 2.28 4.83
CA TYR A 244 9.08 1.38 5.79
C TYR A 244 8.72 0.15 4.93
N VAL A 245 9.06 -1.07 5.38
CA VAL A 245 8.57 -2.26 4.71
C VAL A 245 8.08 -3.17 5.76
N ASP A 246 7.01 -3.90 5.46
CA ASP A 246 6.56 -5.00 6.29
C ASP A 246 7.72 -5.89 6.47
N ILE A 247 7.84 -6.36 7.69
CA ILE A 247 8.92 -7.18 8.09
C ILE A 247 8.96 -8.43 7.17
N ASP A 248 7.79 -8.91 6.75
CA ASP A 248 7.79 -10.14 5.94
C ASP A 248 8.06 -10.01 4.44
N LEU A 249 8.27 -8.79 3.91
CA LEU A 249 8.37 -8.62 2.44
C LEU A 249 9.74 -8.96 1.85
N PRO A 250 9.74 -9.67 0.70
CA PRO A 250 10.94 -10.03 -0.01
C PRO A 250 11.46 -8.94 -0.93
N VAL A 251 12.77 -8.98 -1.13
CA VAL A 251 13.46 -8.12 -2.06
C VAL A 251 13.64 -8.87 -3.35
N ASP A 252 13.41 -8.14 -4.43
CA ASP A 252 13.71 -8.58 -5.77
C ASP A 252 15.07 -7.96 -6.15
N SER A 253 16.08 -8.83 -6.23
CA SER A 253 17.48 -8.48 -6.63
C SER A 253 17.66 -7.57 -7.86
N SER A 254 17.00 -7.94 -8.95
CA SER A 254 17.06 -7.24 -10.24
C SER A 254 16.47 -5.81 -10.18
N LYS A 255 15.68 -5.52 -9.16
CA LYS A 255 15.09 -4.19 -8.95
C LYS A 255 15.98 -3.21 -8.20
N ILE A 256 17.00 -3.70 -7.50
CA ILE A 256 17.94 -2.81 -6.81
C ILE A 256 18.62 -1.93 -7.85
N VAL A 257 18.68 -0.63 -7.58
CA VAL A 257 19.29 0.38 -8.43
C VAL A 257 20.67 0.65 -7.88
N GLU A 258 21.62 1.00 -8.73
CA GLU A 258 23.00 1.05 -8.29
C GLU A 258 23.37 2.30 -7.56
N GLY A 259 22.64 3.40 -7.76
CA GLY A 259 22.84 4.60 -6.94
C GLY A 259 22.09 4.48 -5.62
N HIS A 260 21.31 3.41 -5.46
CA HIS A 260 20.46 3.24 -4.26
C HIS A 260 19.54 4.48 -4.03
N GLN A 261 19.09 5.11 -5.10
CA GLN A 261 18.30 6.29 -5.00
C GLN A 261 17.19 6.28 -6.05
N ILE A 262 15.97 6.63 -5.64
CA ILE A 262 14.87 6.84 -6.57
C ILE A 262 14.28 8.21 -6.27
N THR A 263 13.40 8.66 -7.15
CA THR A 263 12.79 9.96 -7.00
C THR A 263 11.29 9.87 -7.04
N GLY A 264 10.60 10.96 -6.67
CA GLY A 264 9.17 11.02 -6.72
C GLY A 264 8.70 12.47 -6.84
N GLY A 265 7.41 12.64 -6.99
CA GLY A 265 6.83 13.94 -7.17
C GLY A 265 6.09 14.35 -5.92
N VAL A 266 6.12 13.52 -4.89
CA VAL A 266 5.64 13.83 -3.59
C VAL A 266 6.67 13.31 -2.64
N PRO A 267 6.69 13.83 -1.39
CA PRO A 267 7.79 13.50 -0.50
C PRO A 267 7.56 12.22 0.26
N ILE A 268 6.33 11.72 0.30
CA ILE A 268 6.04 10.45 0.92
C ILE A 268 5.37 9.60 -0.20
N MET A 269 5.93 8.46 -0.61
CA MET A 269 5.28 7.56 -1.62
C MET A 269 4.77 6.23 -1.00
N LEU A 270 3.77 5.57 -1.61
CA LEU A 270 3.23 4.34 -1.06
C LEU A 270 3.01 3.25 -2.13
N ASN A 271 2.77 2.03 -1.68
CA ASN A 271 2.36 0.95 -2.53
C ASN A 271 0.96 1.26 -3.12
N MET A 272 0.90 1.34 -4.45
CA MET A 272 -0.32 1.74 -5.13
C MET A 272 -0.65 0.72 -6.26
N GLY A 273 -1.92 0.68 -6.65
CA GLY A 273 -2.42 -0.10 -7.83
C GLY A 273 -3.72 0.54 -8.23
N SER A 274 -4.52 -0.06 -9.10
CA SER A 274 -5.86 0.42 -9.31
C SER A 274 -6.80 -0.69 -9.82
N ILE A 275 -8.08 -0.41 -9.59
CA ILE A 275 -9.17 -1.28 -9.92
C ILE A 275 -10.07 -0.65 -10.99
N ILE A 276 -10.23 -1.31 -12.11
CA ILE A 276 -11.17 -0.84 -13.14
C ILE A 276 -12.52 -1.44 -12.75
N SER A 277 -13.54 -0.63 -12.52
CA SER A 277 -14.88 -1.13 -12.04
C SER A 277 -15.65 -1.81 -13.12
N GLU A 278 -16.80 -2.33 -12.75
CA GLU A 278 -17.85 -2.68 -13.70
C GLU A 278 -18.37 -1.35 -14.31
N PRO A 279 -18.94 -1.41 -15.53
CA PRO A 279 -19.56 -0.22 -16.14
C PRO A 279 -20.59 0.43 -15.22
N ILE A 280 -20.57 1.76 -15.13
CA ILE A 280 -21.47 2.48 -14.17
C ILE A 280 -22.34 3.49 -14.90
N ALA A 281 -23.43 3.89 -14.26
CA ALA A 281 -24.33 4.81 -14.89
C ALA A 281 -23.73 6.24 -14.96
N PRO A 282 -24.26 7.11 -15.86
CA PRO A 282 -25.32 6.93 -16.85
C PRO A 282 -24.81 6.57 -18.27
N HIS A 283 -23.49 6.57 -18.50
CA HIS A 283 -22.95 6.35 -19.86
C HIS A 283 -22.41 4.89 -20.08
N HIS A 284 -22.76 3.97 -19.20
CA HIS A 284 -22.18 2.64 -19.23
C HIS A 284 -20.61 2.66 -19.37
N ARG A 285 -19.90 3.49 -18.58
CA ARG A 285 -18.43 3.49 -18.63
C ARG A 285 -17.77 2.97 -17.36
N ARG A 286 -16.65 2.28 -17.54
CA ARG A 286 -15.78 1.89 -16.43
C ARG A 286 -14.98 3.08 -15.81
N GLN A 287 -14.79 3.02 -14.51
CA GLN A 287 -14.11 4.02 -13.71
C GLN A 287 -12.79 3.36 -13.27
N GLU A 288 -11.70 4.10 -13.23
CA GLU A 288 -10.51 3.63 -12.53
C GLU A 288 -10.38 4.22 -11.13
N ALA A 289 -10.25 3.36 -10.13
CA ALA A 289 -10.06 3.79 -8.75
C ALA A 289 -8.67 3.42 -8.20
N VAL A 290 -7.86 4.41 -7.83
CA VAL A 290 -6.53 4.09 -7.28
C VAL A 290 -6.66 3.51 -5.89
N CYS A 291 -5.91 2.43 -5.63
CA CYS A 291 -5.81 1.86 -4.30
C CYS A 291 -4.37 1.94 -3.77
N MET A 292 -4.24 2.00 -2.47
CA MET A 292 -2.95 2.25 -1.87
C MET A 292 -2.84 1.45 -0.61
N ASN A 293 -1.62 1.09 -0.25
CA ASN A 293 -1.36 0.24 0.93
C ASN A 293 -0.12 0.76 1.63
N THR A 294 0.06 0.35 2.87
CA THR A 294 1.14 0.92 3.69
C THR A 294 2.15 -0.11 4.08
N ASP A 295 2.09 -1.27 3.39
CA ASP A 295 3.11 -2.24 3.48
C ASP A 295 4.45 -1.82 2.97
N ILE A 296 4.49 -0.90 2.00
CA ILE A 296 5.72 -0.30 1.57
C ILE A 296 5.44 1.18 1.55
N ILE A 297 6.26 1.96 2.24
CA ILE A 297 6.20 3.45 2.30
C ILE A 297 7.62 4.08 2.15
N ALA A 298 7.78 5.10 1.32
CA ALA A 298 9.12 5.72 1.10
C ALA A 298 9.06 7.16 1.54
N TYR A 299 10.09 7.62 2.19
CA TYR A 299 10.09 8.98 2.80
C TYR A 299 11.24 9.80 2.23
N ALA A 300 10.98 10.90 1.54
CA ALA A 300 12.07 11.70 0.97
C ALA A 300 12.84 12.38 2.09
N ASN A 301 14.09 12.66 1.80
CA ASN A 301 15.05 13.35 2.66
C ASN A 301 14.80 14.84 2.55
N ASP A 302 13.77 15.41 3.18
CA ASP A 302 13.27 16.76 2.76
C ASP A 302 12.25 17.32 3.78
N ARG A 303 12.22 18.64 3.96
CA ARG A 303 11.23 19.23 4.89
C ARG A 303 9.77 18.92 4.49
N GLU A 304 9.47 18.89 3.20
CA GLU A 304 8.09 18.55 2.78
C GLU A 304 7.56 17.21 3.28
N THR A 305 8.46 16.27 3.54
CA THR A 305 8.07 15.03 4.20
C THR A 305 7.42 15.25 5.55
N GLN A 306 8.01 16.07 6.40
CA GLN A 306 7.42 16.29 7.74
C GLN A 306 6.02 16.94 7.69
N VAL A 307 5.81 17.79 6.69
CA VAL A 307 4.56 18.54 6.52
C VAL A 307 3.43 17.58 6.09
N MET A 308 3.72 16.70 5.14
CA MET A 308 2.77 15.69 4.69
C MET A 308 2.54 14.70 5.83
N MET A 309 3.57 14.26 6.57
CA MET A 309 3.32 13.41 7.70
C MET A 309 2.45 14.05 8.79
N ASP A 310 2.55 15.36 8.97
CA ASP A 310 1.70 16.03 9.97
C ASP A 310 0.24 16.16 9.48
N THR A 311 -0.03 16.35 8.17
CA THR A 311 -1.44 16.30 7.76
C THR A 311 -2.06 14.91 8.03
N VAL A 312 -1.29 13.89 7.80
CA VAL A 312 -1.85 12.57 7.94
C VAL A 312 -1.98 12.30 9.42
N ALA A 313 -1.08 12.84 10.22
CA ALA A 313 -1.10 12.53 11.64
C ALA A 313 -2.35 13.20 12.27
N LEU A 314 -2.70 14.41 11.84
CA LEU A 314 -3.91 15.04 12.37
C LEU A 314 -5.20 14.26 11.96
N HIS A 315 -5.24 13.62 10.79
CA HIS A 315 -6.42 12.79 10.43
C HIS A 315 -6.55 11.51 11.31
N LEU A 316 -5.44 10.85 11.61
CA LEU A 316 -5.50 9.67 12.45
C LEU A 316 -5.90 10.00 13.88
N LYS A 317 -5.41 11.13 14.38
CA LYS A 317 -5.73 11.61 15.73
C LYS A 317 -7.25 11.76 15.78
N ASN A 318 -7.80 12.40 14.74
CA ASN A 318 -9.25 12.65 14.62
C ASN A 318 -10.10 11.38 14.70
N ILE A 319 -9.63 10.35 13.97
CA ILE A 319 -10.33 9.10 13.93
C ILE A 319 -10.26 8.42 15.30
N TYR A 320 -9.10 8.42 15.93
CA TYR A 320 -9.07 7.80 17.26
C TYR A 320 -10.04 8.53 18.25
N ASP A 321 -10.24 9.84 18.01
CA ASP A 321 -11.01 10.65 18.95
C ASP A 321 -12.55 10.41 18.75
N ASP A 322 -12.98 10.31 17.47
CA ASP A 322 -14.32 9.84 17.03
C ASP A 322 -14.32 8.72 15.93
N PRO A 323 -14.24 7.47 16.34
CA PRO A 323 -14.18 6.40 15.35
C PRO A 323 -15.45 6.03 14.65
N TYR A 324 -16.57 6.51 15.15
CA TYR A 324 -17.91 6.12 14.68
C TYR A 324 -18.15 6.63 13.27
N THR A 325 -17.55 7.77 12.96
CA THR A 325 -17.71 8.42 11.66
C THR A 325 -16.93 7.59 10.65
N ALA A 326 -15.72 7.16 11.03
CA ALA A 326 -14.88 6.36 10.17
C ALA A 326 -15.51 4.95 9.84
N LEU A 327 -16.12 4.34 10.85
CA LEU A 327 -16.72 3.02 10.76
C LEU A 327 -18.21 3.02 10.25
N LYS A 328 -18.70 4.16 9.77
CA LYS A 328 -20.13 4.33 9.53
C LYS A 328 -20.71 3.42 8.46
N ASP A 329 -19.94 3.10 7.40
CA ASP A 329 -20.37 2.22 6.31
C ASP A 329 -19.86 0.76 6.45
N THR A 330 -19.34 0.39 7.63
CA THR A 330 -18.81 -0.95 7.84
C THR A 330 -19.90 -1.89 8.35
N PRO A 331 -19.64 -3.20 8.36
CA PRO A 331 -20.72 -4.06 8.82
C PRO A 331 -21.05 -3.92 10.29
N LEU A 332 -20.06 -3.57 11.12
CA LEU A 332 -20.29 -3.47 12.54
C LEU A 332 -21.25 -2.33 12.82
N ALA A 333 -21.28 -1.31 11.98
CA ALA A 333 -22.17 -0.20 12.20
C ALA A 333 -23.64 -0.65 12.13
N GLN A 334 -23.96 -1.84 11.57
CA GLN A 334 -25.36 -2.21 11.46
C GLN A 334 -25.87 -2.94 12.77
N THR A 335 -24.97 -3.21 13.71
CA THR A 335 -25.28 -3.88 14.92
C THR A 335 -25.78 -2.95 16.08
N ALA A 336 -26.57 -3.55 16.99
CA ALA A 336 -27.07 -2.81 18.14
C ALA A 336 -25.92 -2.41 19.08
N PHE A 337 -24.92 -3.26 19.18
CA PHE A 337 -23.78 -2.98 20.03
C PHE A 337 -23.04 -1.67 19.62
N PHE A 338 -22.87 -1.47 18.33
CA PHE A 338 -22.19 -0.27 17.80
C PHE A 338 -23.05 0.97 18.07
N ASN A 339 -24.35 0.89 17.81
CA ASN A 339 -25.27 1.97 18.19
C ASN A 339 -25.09 2.39 19.63
N ARG A 340 -24.98 1.44 20.53
CA ARG A 340 -24.95 1.73 21.94
C ARG A 340 -23.64 2.32 22.35
N CYS A 341 -22.57 1.72 21.85
CA CYS A 341 -21.23 2.21 22.12
C CYS A 341 -21.11 3.68 21.67
N GLU A 342 -21.81 4.02 20.59
CA GLU A 342 -21.80 5.34 19.99
C GLU A 342 -22.46 6.33 20.94
N GLU A 343 -23.67 6.02 21.38
CA GLU A 343 -24.27 6.82 22.44
C GLU A 343 -23.38 6.93 23.63
N GLU A 344 -22.79 5.85 24.06
CA GLU A 344 -22.06 5.86 25.34
C GLU A 344 -20.69 6.52 25.26
N GLY A 345 -20.21 6.78 24.03
CA GLY A 345 -18.85 7.32 23.85
C GLY A 345 -17.68 6.34 24.12
N LYS A 346 -17.92 5.04 23.93
CA LYS A 346 -16.85 4.03 24.08
C LYS A 346 -15.72 4.31 23.07
N ASN A 347 -14.50 3.99 23.45
CA ASN A 347 -13.32 4.22 22.62
C ASN A 347 -13.04 2.98 21.79
N ILE A 348 -12.08 3.07 20.89
CA ILE A 348 -11.85 1.95 19.96
C ILE A 348 -11.49 0.64 20.68
N PHE A 349 -10.85 0.74 21.86
CA PHE A 349 -10.47 -0.47 22.61
C PHE A 349 -11.71 -1.22 23.10
N GLU A 350 -12.71 -0.49 23.57
CA GLU A 350 -13.91 -1.12 24.10
C GLU A 350 -14.79 -1.61 22.93
N LEU A 351 -14.86 -0.83 21.87
CA LEU A 351 -15.46 -1.36 20.64
C LEU A 351 -14.83 -2.69 20.24
N ARG A 352 -13.51 -2.79 20.21
CA ARG A 352 -12.91 -4.04 19.76
C ARG A 352 -13.12 -5.22 20.72
N LYS A 353 -12.89 -4.90 21.99
CA LYS A 353 -13.07 -5.83 23.06
C LYS A 353 -14.51 -6.30 23.19
N GLY A 354 -15.46 -5.41 22.97
CA GLY A 354 -16.85 -5.82 23.02
C GLY A 354 -17.22 -6.83 21.94
N LEU A 355 -16.66 -6.60 20.77
CA LEU A 355 -16.83 -7.45 19.63
C LEU A 355 -16.24 -8.83 19.91
N GLN A 356 -15.01 -8.86 20.38
CA GLN A 356 -14.40 -10.10 20.78
C GLN A 356 -15.20 -10.88 21.82
N ASP A 357 -15.64 -10.22 22.89
CA ASP A 357 -16.41 -10.88 23.96
C ASP A 357 -17.69 -11.46 23.42
N ALA A 358 -18.34 -10.77 22.52
CA ALA A 358 -19.55 -11.30 21.97
C ALA A 358 -19.32 -12.63 21.25
N PHE A 359 -18.26 -12.76 20.46
CA PHE A 359 -18.06 -14.00 19.72
C PHE A 359 -17.31 -15.06 20.56
N ARG A 360 -16.87 -14.69 21.77
CA ARG A 360 -16.37 -15.66 22.73
C ARG A 360 -17.42 -16.20 23.69
N SER A 361 -18.58 -15.54 23.81
CA SER A 361 -19.63 -15.96 24.75
C SER A 361 -20.26 -17.34 24.49
N ASP A 362 -20.11 -17.88 23.29
CA ASP A 362 -20.77 -19.13 22.97
C ASP A 362 -22.27 -19.14 23.35
N SER A 363 -22.94 -17.99 23.24
CA SER A 363 -24.34 -17.88 23.64
C SER A 363 -25.09 -17.17 22.55
N LEU A 364 -26.08 -17.87 22.01
CA LEU A 364 -26.98 -17.25 21.07
C LEU A 364 -27.82 -16.07 21.62
N LEU A 365 -28.23 -16.09 22.89
CA LEU A 365 -28.92 -14.96 23.47
C LEU A 365 -27.99 -13.74 23.49
N GLU A 366 -26.73 -13.95 23.86
CA GLU A 366 -25.76 -12.85 23.88
C GLU A 366 -25.43 -12.30 22.47
N LEU A 367 -25.31 -13.20 21.52
CA LEU A 367 -25.17 -12.81 20.16
C LEU A 367 -26.35 -11.95 19.70
N TYR A 368 -27.56 -12.30 20.09
CA TYR A 368 -28.73 -11.51 19.70
C TYR A 368 -28.66 -10.10 20.25
N VAL A 369 -28.31 -9.93 21.52
CA VAL A 369 -28.23 -8.59 22.14
C VAL A 369 -27.19 -7.77 21.36
N PHE A 370 -26.09 -8.43 21.01
CA PHE A 370 -25.02 -7.80 20.30
C PHE A 370 -25.39 -7.33 18.89
N LEU A 371 -25.91 -8.27 18.11
CA LEU A 371 -26.24 -8.01 16.74
C LEU A 371 -27.42 -7.10 16.60
N GLY A 372 -28.43 -7.33 17.42
CA GLY A 372 -29.74 -6.71 17.20
C GLY A 372 -30.54 -7.42 16.10
N PRO A 373 -31.84 -7.14 16.06
CA PRO A 373 -32.80 -7.82 15.19
C PRO A 373 -32.45 -7.74 13.73
N ALA A 374 -32.14 -6.57 13.20
CA ALA A 374 -31.79 -6.44 11.75
C ALA A 374 -30.59 -7.28 11.33
N LYS A 375 -29.49 -7.12 12.04
CA LYS A 375 -28.35 -7.95 11.76
C LYS A 375 -28.50 -9.46 12.14
N PHE A 376 -29.22 -9.78 13.19
CA PHE A 376 -29.48 -11.13 13.49
C PHE A 376 -30.35 -11.73 12.34
N LYS A 377 -31.24 -10.92 11.77
CA LYS A 377 -32.08 -11.37 10.69
C LYS A 377 -31.28 -11.77 9.46
N GLU A 378 -30.31 -10.96 9.11
CA GLU A 378 -29.56 -11.17 7.89
C GLU A 378 -28.63 -12.32 8.11
N VAL A 379 -27.96 -12.37 9.25
CA VAL A 379 -27.01 -13.44 9.51
C VAL A 379 -27.63 -14.85 9.55
N PHE A 380 -28.85 -15.00 10.02
CA PHE A 380 -29.49 -16.33 10.01
C PHE A 380 -30.59 -16.44 9.00
N LYS A 381 -30.61 -15.52 8.04
CA LYS A 381 -31.56 -15.58 6.89
C LYS A 381 -33.05 -15.68 7.22
N LEU A 382 -33.47 -15.05 8.32
CA LEU A 382 -34.83 -15.16 8.82
C LEU A 382 -35.82 -14.34 7.96
N LYS A 383 -37.12 -14.67 7.97
CA LYS A 383 -38.13 -13.80 7.33
C LYS A 383 -38.48 -12.65 8.28
N GLU A 384 -39.12 -11.61 7.79
CA GLU A 384 -39.35 -10.42 8.62
C GLU A 384 -40.23 -10.79 9.80
N THR A 385 -41.24 -11.59 9.52
CA THR A 385 -42.23 -11.96 10.52
C THR A 385 -41.62 -12.83 11.61
N GLN A 386 -40.60 -13.57 11.26
CA GLN A 386 -39.93 -14.44 12.20
C GLN A 386 -39.03 -13.70 13.17
N ILE A 387 -38.22 -12.79 12.66
CA ILE A 387 -37.47 -11.91 13.54
C ILE A 387 -38.39 -10.98 14.32
N LYS A 388 -39.46 -10.47 13.72
CA LYS A 388 -40.42 -9.65 14.49
C LYS A 388 -40.90 -10.41 15.72
N TYR A 389 -41.30 -11.66 15.53
CA TYR A 389 -41.74 -12.47 16.69
C TYR A 389 -40.63 -12.76 17.67
N ILE A 390 -39.43 -13.04 17.19
CA ILE A 390 -38.32 -13.18 18.13
C ILE A 390 -38.10 -11.93 18.99
N ASP A 391 -38.15 -10.75 18.41
CA ASP A 391 -37.77 -9.51 19.07
C ASP A 391 -38.77 -9.11 20.13
N ASP A 392 -40.04 -9.32 19.79
CA ASP A 392 -41.15 -9.04 20.66
C ASP A 392 -41.11 -9.89 21.91
N HIS A 393 -40.55 -11.09 21.80
CA HIS A 393 -40.61 -12.11 22.83
C HIS A 393 -39.22 -12.40 23.44
N ILE A 394 -38.21 -11.63 23.08
CA ILE A 394 -36.84 -11.96 23.46
C ILE A 394 -36.64 -11.92 24.97
N SER A 395 -37.31 -10.99 25.67
CA SER A 395 -37.16 -10.86 27.14
C SER A 395 -37.68 -12.05 27.95
N GLU A 396 -38.49 -12.91 27.31
CA GLU A 396 -39.00 -14.19 27.88
C GLU A 396 -38.13 -15.44 27.53
N PHE A 397 -37.14 -15.28 26.65
CA PHE A 397 -36.44 -16.43 26.10
C PHE A 397 -35.26 -16.82 26.95
N ASN A 398 -35.06 -18.11 27.10
CA ASN A 398 -33.79 -18.66 27.51
C ASN A 398 -33.13 -19.06 26.25
N GLU A 399 -31.95 -19.64 26.40
CA GLU A 399 -31.11 -20.02 25.30
C GLU A 399 -31.71 -21.09 24.35
N HIS A 400 -32.34 -22.11 24.92
CA HIS A 400 -32.99 -23.17 24.17
C HIS A 400 -34.18 -22.64 23.35
N ASP A 401 -34.99 -21.79 23.98
CA ASP A 401 -36.15 -21.20 23.30
C ASP A 401 -35.68 -20.51 21.98
N LEU A 402 -34.57 -19.80 22.00
CA LEU A 402 -34.09 -19.11 20.81
C LEU A 402 -33.63 -20.08 19.74
N LEU A 403 -32.94 -21.11 20.19
CA LEU A 403 -32.50 -22.19 19.36
C LEU A 403 -33.69 -22.91 18.68
N LEU A 404 -34.79 -23.04 19.39
CA LEU A 404 -35.94 -23.75 18.88
C LEU A 404 -36.61 -22.91 17.82
N HIS A 405 -36.55 -21.59 18.00
CA HIS A 405 -37.08 -20.70 16.98
C HIS A 405 -36.22 -20.72 15.76
N LEU A 406 -34.90 -20.85 15.88
CA LEU A 406 -34.05 -20.93 14.64
C LEU A 406 -34.41 -22.17 13.77
N ILE A 407 -34.63 -23.30 14.44
CA ILE A 407 -34.78 -24.63 13.79
C ILE A 407 -36.09 -24.66 13.01
N SER A 408 -37.18 -24.31 13.68
CA SER A 408 -38.49 -24.11 13.02
C SER A 408 -38.45 -23.17 11.80
N ASP A 409 -37.61 -22.13 11.88
CA ASP A 409 -37.63 -21.02 10.97
C ASP A 409 -36.75 -21.23 9.73
N ASN A 410 -35.76 -22.13 9.76
CA ASN A 410 -34.89 -22.29 8.56
C ASN A 410 -34.66 -23.75 8.01
N PRO A 411 -33.59 -24.43 8.52
CA PRO A 411 -32.73 -25.50 7.94
C PRO A 411 -33.24 -26.76 7.19
N SER A 412 -32.83 -26.94 5.92
CA SER A 412 -31.85 -26.06 5.21
C SER A 412 -30.52 -25.72 6.03
N GLU A 413 -30.08 -24.43 5.98
CA GLU A 413 -28.91 -23.82 6.73
C GLU A 413 -27.87 -24.67 7.50
N ILE A 414 -28.36 -25.59 8.35
CA ILE A 414 -27.52 -26.61 9.02
C ILE A 414 -28.38 -27.78 9.56
N LEU A 419 -31.48 -32.45 14.31
CA LEU A 419 -32.13 -33.46 15.16
C LEU A 419 -31.41 -33.69 16.55
N ASP A 420 -30.20 -33.13 16.76
CA ASP A 420 -29.59 -33.03 18.11
C ASP A 420 -29.34 -31.56 18.45
N PHE A 421 -29.81 -31.11 19.61
CA PHE A 421 -29.71 -29.69 20.04
C PHE A 421 -28.27 -29.17 20.18
N GLY A 422 -27.39 -29.97 20.78
CA GLY A 422 -25.99 -29.57 20.94
C GLY A 422 -25.28 -29.29 19.62
N ARG A 423 -25.47 -30.17 18.62
CA ARG A 423 -24.85 -29.99 17.30
C ARG A 423 -25.48 -28.81 16.48
N ALA A 424 -26.79 -28.64 16.60
CA ALA A 424 -27.49 -27.58 15.91
C ALA A 424 -26.97 -26.19 16.37
N LYS A 425 -26.77 -26.04 17.70
CA LYS A 425 -26.17 -24.85 18.33
C LYS A 425 -24.82 -24.48 17.72
N VAL A 426 -23.89 -25.43 17.72
CA VAL A 426 -22.64 -25.29 16.99
C VAL A 426 -22.89 -24.86 15.56
N MET A 427 -23.80 -25.51 14.85
CA MET A 427 -23.94 -25.12 13.44
C MET A 427 -24.36 -23.61 13.35
N TYR A 428 -25.18 -23.14 14.28
CA TYR A 428 -25.68 -21.78 14.25
C TYR A 428 -24.62 -20.75 14.76
N MET A 429 -23.98 -21.02 15.89
CA MET A 429 -22.81 -20.24 16.27
C MET A 429 -21.71 -20.13 15.17
N ASP A 430 -21.44 -21.22 14.44
CA ASP A 430 -20.39 -21.19 13.39
C ASP A 430 -20.78 -20.34 12.13
N ILE A 431 -22.06 -20.35 11.76
CA ILE A 431 -22.59 -19.38 10.82
C ILE A 431 -22.32 -17.94 11.31
N ALA A 432 -22.53 -17.60 12.59
CA ALA A 432 -22.24 -16.25 13.15
C ALA A 432 -20.76 -15.88 13.13
N LYS A 433 -19.91 -16.80 13.59
CA LYS A 433 -18.44 -16.67 13.49
C LYS A 433 -17.87 -16.40 12.07
N GLU A 434 -18.49 -16.95 11.01
CA GLU A 434 -18.14 -16.59 9.62
C GLU A 434 -18.05 -15.05 9.44
N HIS A 435 -18.85 -14.28 10.20
CA HIS A 435 -18.86 -12.82 10.02
C HIS A 435 -17.89 -12.09 10.90
N TYR A 436 -17.18 -12.79 11.78
CA TYR A 436 -16.29 -12.10 12.73
C TYR A 436 -15.24 -11.24 12.05
N SER A 437 -14.61 -11.78 11.01
CA SER A 437 -13.54 -11.07 10.37
C SER A 437 -14.02 -9.77 9.70
N ALA A 438 -15.13 -9.83 8.99
CA ALA A 438 -15.73 -8.65 8.41
C ALA A 438 -16.12 -7.55 9.47
N PHE A 439 -16.46 -7.94 10.68
CA PHE A 439 -16.76 -7.00 11.75
C PHE A 439 -15.47 -6.42 12.32
N TYR A 440 -14.42 -7.21 12.46
CA TYR A 440 -13.23 -6.79 13.21
C TYR A 440 -12.25 -5.92 12.42
N LYS A 441 -11.95 -6.34 11.18
CA LYS A 441 -10.81 -5.78 10.40
C LYS A 441 -10.90 -4.28 10.24
N PRO A 442 -12.10 -3.77 10.02
CA PRO A 442 -12.17 -2.32 9.81
C PRO A 442 -11.79 -1.51 11.08
N LEU A 443 -11.89 -2.12 12.24
CA LEU A 443 -11.54 -1.47 13.48
C LEU A 443 -10.02 -1.26 13.61
N VAL A 444 -9.24 -1.82 12.68
CA VAL A 444 -7.84 -1.47 12.50
C VAL A 444 -7.63 -0.73 11.15
N GLU A 445 -8.15 -1.33 10.06
CA GLU A 445 -7.99 -0.80 8.68
C GLU A 445 -8.58 0.59 8.44
N GLU A 446 -9.73 0.89 9.00
CA GLU A 446 -10.32 2.16 8.79
C GLU A 446 -9.91 3.15 9.87
N ILE A 447 -9.11 2.72 10.87
CA ILE A 447 -8.76 3.56 12.10
C ILE A 447 -7.30 4.05 11.99
N SER A 448 -6.35 3.16 11.98
CA SER A 448 -4.98 3.50 11.67
C SER A 448 -4.47 2.93 10.33
N GLY A 449 -5.25 2.08 9.69
CA GLY A 449 -4.70 1.37 8.58
C GLY A 449 -4.80 2.02 7.21
N PRO A 450 -4.68 1.19 6.15
CA PRO A 450 -4.70 1.70 4.79
C PRO A 450 -5.99 2.42 4.43
N GLY A 451 -7.15 2.03 4.99
CA GLY A 451 -8.38 2.80 4.80
C GLY A 451 -8.32 4.24 5.37
N ALA A 452 -7.67 4.43 6.51
CA ALA A 452 -7.59 5.77 7.18
C ALA A 452 -6.65 6.62 6.42
N ILE A 453 -5.56 6.02 5.98
CA ILE A 453 -4.53 6.76 5.24
C ILE A 453 -5.06 7.30 3.94
N TYR A 454 -5.64 6.38 3.14
CA TYR A 454 -6.40 6.73 1.95
C TYR A 454 -7.28 7.95 2.12
N ASN A 455 -8.20 7.94 3.09
CA ASN A 455 -8.94 9.17 3.43
C ASN A 455 -8.05 10.34 3.87
N ALA A 456 -7.01 10.09 4.62
CA ALA A 456 -6.19 11.20 5.09
C ALA A 456 -5.55 11.92 3.88
N LEU A 457 -5.21 11.15 2.83
CA LEU A 457 -4.52 11.67 1.65
C LEU A 457 -5.44 12.14 0.56
N GLY A 458 -6.74 11.93 0.71
CA GLY A 458 -7.66 12.49 -0.25
C GLY A 458 -8.95 11.76 -0.43
N GLY A 459 -8.95 10.44 -0.19
CA GLY A 459 -10.16 9.69 -0.25
C GLY A 459 -10.72 9.41 -1.63
N ALA A 460 -11.87 8.75 -1.60
CA ALA A 460 -12.48 8.06 -2.75
C ALA A 460 -12.58 8.86 -4.00
N SER A 461 -12.80 10.15 -3.88
CA SER A 461 -13.12 10.99 -5.02
C SER A 461 -11.95 11.80 -5.55
N ASN A 462 -10.91 11.99 -4.74
CA ASN A 462 -9.63 12.52 -5.24
C ASN A 462 -8.93 11.51 -6.20
N PHE A 463 -9.33 10.25 -6.08
CA PHE A 463 -8.59 9.11 -6.61
C PHE A 463 -9.40 8.21 -7.57
N THR A 464 -10.55 8.69 -8.00
CA THR A 464 -11.39 7.96 -8.94
C THR A 464 -11.71 8.87 -10.11
N THR A 465 -11.54 8.33 -11.30
CA THR A 465 -11.86 9.00 -12.53
C THR A 465 -12.35 7.99 -13.53
N THR A 466 -12.90 8.47 -14.62
CA THR A 466 -13.29 7.62 -15.73
C THR A 466 -12.05 7.00 -16.33
N HIS A 467 -12.11 5.69 -16.50
CA HIS A 467 -11.04 4.87 -17.08
C HIS A 467 -10.89 5.18 -18.55
N ARG A 468 -9.68 5.60 -18.91
CA ARG A 468 -9.26 5.90 -20.28
C ARG A 468 -7.91 5.22 -20.53
N ARG A 469 -7.83 4.46 -21.60
CA ARG A 469 -6.59 3.73 -21.96
C ARG A 469 -5.80 4.51 -23.00
N SER A 470 -4.47 4.43 -22.97
CA SER A 470 -3.64 4.53 -24.22
C SER A 470 -3.54 5.96 -24.81
N THR A 471 -2.73 6.18 -25.85
CA THR A 471 -2.14 5.13 -26.75
C THR A 471 -0.58 5.10 -26.81
N GLY A 472 -0.02 3.89 -26.91
CA GLY A 472 1.42 3.72 -26.85
C GLY A 472 1.98 4.00 -25.44
N PRO A 473 3.22 4.48 -25.36
CA PRO A 473 3.94 4.64 -24.10
C PRO A 473 3.22 5.48 -23.07
N MET A 474 3.10 4.97 -21.86
CA MET A 474 2.36 5.62 -20.78
C MET A 474 3.02 6.95 -20.36
N LEU A 475 2.24 8.02 -20.40
CA LEU A 475 2.62 9.30 -19.88
C LEU A 475 1.67 9.78 -18.76
N PRO A 476 2.17 10.63 -17.83
CA PRO A 476 1.38 11.15 -16.73
C PRO A 476 0.47 12.31 -17.13
N THR A 477 -0.61 12.01 -17.84
CA THR A 477 -1.48 13.00 -18.40
C THR A 477 -2.93 12.88 -17.86
N THR A 478 -3.20 11.91 -16.99
CA THR A 478 -4.45 11.88 -16.24
C THR A 478 -4.09 11.59 -14.81
N PRO A 479 -5.02 11.81 -13.88
CA PRO A 479 -4.67 11.68 -12.48
C PRO A 479 -4.17 10.29 -12.06
N PRO A 480 -4.85 9.17 -12.45
CA PRO A 480 -4.17 7.95 -12.03
C PRO A 480 -2.73 7.73 -12.67
N ARG A 481 -2.51 8.12 -13.92
CA ARG A 481 -1.16 7.99 -14.49
C ARG A 481 -0.13 8.88 -13.71
N VAL A 482 -0.56 10.05 -13.25
CA VAL A 482 0.33 10.91 -12.53
C VAL A 482 0.75 10.18 -11.32
N LEU A 483 -0.16 9.49 -10.68
CA LEU A 483 0.17 8.81 -9.45
CA LEU A 483 0.16 8.79 -9.45
C LEU A 483 0.98 7.56 -9.74
N GLN A 484 0.68 6.89 -10.87
CA GLN A 484 1.44 5.68 -11.26
C GLN A 484 2.91 5.98 -11.58
N VAL A 485 3.15 7.10 -12.25
CA VAL A 485 4.49 7.47 -12.65
C VAL A 485 5.32 8.08 -11.50
N PHE A 486 4.70 8.79 -10.61
CA PHE A 486 5.45 9.72 -9.71
C PHE A 486 5.29 9.46 -8.23
N CYS A 487 4.32 8.64 -7.80
CA CYS A 487 4.05 8.51 -6.37
C CYS A 487 4.05 7.09 -5.74
N ASP A 488 4.33 6.05 -6.53
CA ASP A 488 4.19 4.62 -6.17
C ASP A 488 5.54 4.03 -5.75
N ALA A 489 5.69 3.69 -4.48
CA ALA A 489 6.97 3.18 -3.97
C ALA A 489 7.25 1.68 -4.28
N HIS A 490 6.22 0.97 -4.69
CA HIS A 490 6.30 -0.46 -4.77
C HIS A 490 7.03 -0.73 -6.05
N ASP A 491 6.58 -0.13 -7.15
CA ASP A 491 7.16 -0.33 -8.43
C ASP A 491 8.62 0.12 -8.53
N LYS A 492 8.89 1.26 -7.90
CA LYS A 492 10.21 1.91 -7.95
C LYS A 492 11.18 1.35 -6.96
N GLY A 493 10.69 0.79 -5.88
CA GLY A 493 11.54 0.22 -4.88
C GLY A 493 11.85 -1.24 -5.09
N PRO A 494 12.73 -1.78 -4.25
CA PRO A 494 13.12 -3.16 -4.51
C PRO A 494 12.38 -4.19 -3.74
N PHE A 495 11.24 -3.88 -3.13
CA PHE A 495 10.45 -4.87 -2.39
C PHE A 495 9.27 -5.38 -3.22
N VAL A 496 8.84 -6.62 -2.98
CA VAL A 496 7.61 -7.18 -3.62
C VAL A 496 6.41 -7.32 -2.68
N SER A 497 5.28 -6.96 -3.27
CA SER A 497 4.01 -7.00 -2.62
C SER A 497 2.94 -7.52 -3.60
N ASP A 498 2.18 -8.48 -3.11
CA ASP A 498 1.03 -8.98 -3.80
C ASP A 498 -0.13 -8.56 -2.91
N ASN A 499 0.06 -7.62 -1.94
CA ASN A 499 -1.00 -7.33 -0.91
C ASN A 499 -2.23 -6.55 -1.44
N ILE A 500 -2.04 -5.66 -2.43
CA ILE A 500 -3.14 -5.04 -3.14
C ILE A 500 -3.03 -5.33 -4.65
N ALA A 501 -4.01 -4.87 -5.41
CA ALA A 501 -4.05 -5.08 -6.84
C ALA A 501 -2.93 -4.33 -7.47
N ARG A 502 -2.51 -4.87 -8.59
CA ARG A 502 -1.60 -4.17 -9.48
C ARG A 502 -2.34 -3.04 -10.15
N TRP A 503 -1.63 -2.23 -10.89
CA TRP A 503 -2.20 -1.15 -11.63
C TRP A 503 -3.12 -1.67 -12.78
N GLN A 504 -4.31 -1.06 -12.93
CA GLN A 504 -5.25 -1.34 -14.00
C GLN A 504 -5.72 -2.78 -14.03
N THR A 505 -6.12 -3.28 -12.87
CA THR A 505 -6.69 -4.56 -12.71
C THR A 505 -8.24 -4.49 -12.78
N ASN A 506 -8.86 -5.29 -13.65
CA ASN A 506 -10.32 -5.37 -13.68
C ASN A 506 -10.86 -5.90 -12.32
N VAL A 507 -11.88 -5.26 -11.78
CA VAL A 507 -12.50 -5.69 -10.55
C VAL A 507 -12.93 -7.17 -10.57
N ARG A 508 -13.23 -7.75 -11.75
CA ARG A 508 -13.68 -9.15 -11.80
C ARG A 508 -12.51 -10.11 -11.45
N GLU A 509 -11.38 -9.94 -12.15
CA GLU A 509 -10.20 -10.83 -12.06
C GLU A 509 -9.13 -10.32 -11.06
N LEU A 510 -9.47 -10.35 -9.78
CA LEU A 510 -8.70 -9.60 -8.78
C LEU A 510 -7.33 -10.22 -8.37
N GLY A 511 -7.29 -11.54 -8.20
CA GLY A 511 -6.03 -12.25 -7.90
C GLY A 511 -5.49 -12.11 -6.48
N VAL A 512 -6.36 -11.68 -5.54
CA VAL A 512 -5.93 -11.45 -4.14
C VAL A 512 -6.58 -12.46 -3.17
N LEU A 513 -5.78 -12.86 -2.18
CA LEU A 513 -6.10 -13.91 -1.22
C LEU A 513 -6.90 -13.40 0.02
#